data_6R3W
#
_entry.id   6R3W
#
_cell.length_a   60.782
_cell.length_b   74.295
_cell.length_c   80.339
_cell.angle_alpha   90.00
_cell.angle_beta   90.00
_cell.angle_gamma   90.00
#
_symmetry.space_group_name_H-M   'I 2 2 2'
#
loop_
_entity.id
_entity.type
_entity.pdbx_description
1 polymer 'UPF0678 fatty acid-binding protein-like protein ERS007657_00996'
2 non-polymer 'PROTOPORPHYRIN IX CONTAINING FE'
3 water water
#
_entity_poly.entity_id   1
_entity_poly.type   'polypeptide(L)'
_entity_poly.pdbx_seq_one_letter_code
;MTRDLAPALQALSPLLGSWAGRGAGKYPTIRPFEYLEEVVFAHVGKPFLTYTQQTRAVADGKPLHSETGYLRVCRPGCVE
LVLAHPSGITEIEVGTYSVTGDVIELELSTRADGSIGLAPTAKEVTALDRSYRIDGDELSYSLQMRAVGQPLQDHLAAVL
HRQRRSHHHHHH
;
_entity_poly.pdbx_strand_id   A
#
loop_
_chem_comp.id
_chem_comp.type
_chem_comp.name
_chem_comp.formula
HEM non-polymer 'PROTOPORPHYRIN IX CONTAINING FE' 'C34 H32 Fe N4 O4'
#
# COMPACT_ATOMS: atom_id res chain seq x y z
N ASP A 4 19.06 -4.97 15.08
CA ASP A 4 19.02 -3.51 15.22
C ASP A 4 18.30 -2.93 14.00
N LEU A 5 17.59 -1.81 14.20
CA LEU A 5 16.95 -1.07 13.10
C LEU A 5 18.02 -0.33 12.32
N ALA A 6 17.97 -0.42 10.99
CA ALA A 6 18.87 0.36 10.14
C ALA A 6 18.61 1.85 10.37
N PRO A 7 19.65 2.70 10.44
CA PRO A 7 19.42 4.13 10.60
C PRO A 7 18.41 4.73 9.61
N ALA A 8 18.44 4.31 8.36
CA ALA A 8 17.58 4.91 7.33
C ALA A 8 16.12 4.80 7.74
N LEU A 9 15.75 3.74 8.46
CA LEU A 9 14.33 3.44 8.78
C LEU A 9 13.81 4.21 10.01
N GLN A 10 14.64 4.99 10.70
CA GLN A 10 14.25 5.59 12.00
C GLN A 10 12.86 6.29 11.89
N ALA A 11 12.67 7.13 10.90
CA ALA A 11 11.42 7.91 10.79
C ALA A 11 10.22 6.96 10.69
N LEU A 12 10.41 5.81 10.06
CA LEU A 12 9.30 4.87 9.74
C LEU A 12 9.16 3.79 10.82
N SER A 13 9.88 3.91 11.94
CA SER A 13 9.78 2.90 13.02
C SER A 13 8.32 2.74 13.49
N PRO A 14 7.46 3.80 13.49
CA PRO A 14 6.09 3.59 13.94
C PRO A 14 5.27 2.62 13.06
N LEU A 15 5.72 2.36 11.84
CA LEU A 15 4.98 1.43 10.97
C LEU A 15 5.14 -0.01 11.46
N LEU A 16 6.24 -0.33 12.13
CA LEU A 16 6.55 -1.71 12.51
C LEU A 16 5.39 -2.28 13.35
N GLY A 17 5.01 -3.51 13.06
CA GLY A 17 3.99 -4.25 13.79
C GLY A 17 2.82 -4.65 12.92
N SER A 18 1.74 -5.03 13.58
CA SER A 18 0.55 -5.62 12.96
C SER A 18 -0.58 -4.62 13.01
N TRP A 19 -1.33 -4.54 11.92
CA TRP A 19 -2.41 -3.58 11.70
C TRP A 19 -3.64 -4.32 11.21
N ALA A 20 -4.82 -3.95 11.70
CA ALA A 20 -6.06 -4.61 11.24
C ALA A 20 -7.16 -3.56 11.13
N GLY A 21 -8.00 -3.68 10.13
CA GLY A 21 -9.16 -2.80 10.00
C GLY A 21 -9.97 -3.14 8.79
N ARG A 22 -10.53 -2.12 8.17
CA ARG A 22 -11.63 -2.28 7.21
C ARG A 22 -11.55 -1.14 6.22
N GLY A 23 -11.94 -1.43 4.98
CA GLY A 23 -12.02 -0.39 3.96
C GLY A 23 -13.08 -0.69 2.94
N ALA A 24 -13.03 0.05 1.85
CA ALA A 24 -14.03 -0.05 0.78
C ALA A 24 -13.40 0.31 -0.53
N GLY A 25 -14.06 -0.02 -1.61
CA GLY A 25 -13.52 0.26 -2.93
C GLY A 25 -14.56 0.25 -4.01
N LYS A 26 -14.11 0.63 -5.18
CA LYS A 26 -15.00 0.87 -6.32
C LYS A 26 -14.14 1.03 -7.56
N TYR A 27 -14.78 0.96 -8.71
CA TYR A 27 -14.18 1.35 -10.00
C TYR A 27 -15.29 1.38 -11.02
N PRO A 28 -15.17 2.15 -12.11
CA PRO A 28 -16.32 2.32 -12.99
C PRO A 28 -16.78 1.01 -13.63
N THR A 29 -15.88 0.05 -13.72
CA THR A 29 -16.11 -1.19 -14.48
C THR A 29 -16.66 -2.30 -13.58
N ILE A 30 -16.81 -2.03 -12.27
CA ILE A 30 -17.16 -3.07 -11.28
C ILE A 30 -18.24 -2.54 -10.35
N ARG A 31 -18.74 -3.41 -9.49
CA ARG A 31 -19.65 -2.98 -8.41
C ARG A 31 -18.84 -2.63 -7.18
N PRO A 32 -19.32 -1.66 -6.38
CA PRO A 32 -18.61 -1.32 -5.14
C PRO A 32 -18.52 -2.51 -4.18
N PHE A 33 -17.60 -2.43 -3.25
CA PHE A 33 -17.33 -3.54 -2.33
C PHE A 33 -16.72 -2.99 -1.04
N GLU A 34 -16.69 -3.83 -0.02
CA GLU A 34 -15.92 -3.53 1.20
CA GLU A 34 -15.99 -3.56 1.27
C GLU A 34 -15.09 -4.75 1.61
N TYR A 35 -14.16 -4.54 2.52
CA TYR A 35 -13.18 -5.58 2.88
C TYR A 35 -12.65 -5.35 4.28
N LEU A 36 -12.18 -6.43 4.88
CA LEU A 36 -11.33 -6.43 6.08
C LEU A 36 -9.88 -6.60 5.64
N GLU A 37 -8.95 -6.00 6.38
CA GLU A 37 -7.54 -5.95 5.98
C GLU A 37 -6.67 -6.21 7.18
N GLU A 38 -5.62 -7.03 6.98
CA GLU A 38 -4.54 -7.26 7.94
C GLU A 38 -3.22 -6.95 7.24
N VAL A 39 -2.39 -6.15 7.90
CA VAL A 39 -1.06 -5.76 7.39
C VAL A 39 0.00 -6.05 8.44
N VAL A 40 1.16 -6.49 8.00
CA VAL A 40 2.34 -6.59 8.89
C VAL A 40 3.50 -5.86 8.24
N PHE A 41 4.15 -4.99 9.00
CA PHE A 41 5.46 -4.41 8.66
C PHE A 41 6.50 -4.96 9.61
N ALA A 42 7.62 -5.42 9.07
CA ALA A 42 8.74 -5.94 9.87
C ALA A 42 10.05 -5.57 9.17
N HIS A 43 11.19 -6.06 9.67
CA HIS A 43 12.50 -5.76 9.05
C HIS A 43 13.51 -6.83 9.41
N VAL A 44 14.61 -6.88 8.67
CA VAL A 44 15.72 -7.85 8.90
C VAL A 44 17.03 -7.07 9.03
N GLY A 45 16.98 -5.84 9.52
CA GLY A 45 18.19 -5.07 9.89
C GLY A 45 18.81 -4.32 8.72
N LYS A 46 18.14 -4.31 7.56
CA LYS A 46 18.57 -3.56 6.36
C LYS A 46 17.65 -2.36 6.14
N PRO A 47 18.00 -1.44 5.21
CA PRO A 47 17.21 -0.22 5.01
C PRO A 47 15.93 -0.45 4.20
N PHE A 48 15.14 -1.43 4.60
CA PHE A 48 13.79 -1.66 4.05
C PHE A 48 12.95 -2.34 5.11
N LEU A 49 11.66 -2.08 5.04
CA LEU A 49 10.63 -2.86 5.75
C LEU A 49 10.14 -3.98 4.86
N THR A 50 9.86 -5.14 5.43
CA THR A 50 9.01 -6.15 4.80
C THR A 50 7.57 -5.75 5.01
N TYR A 51 6.71 -6.11 4.07
CA TYR A 51 5.29 -5.70 4.08
C TYR A 51 4.45 -6.80 3.48
N THR A 52 3.39 -7.16 4.18
CA THR A 52 2.37 -8.07 3.64
CA THR A 52 2.37 -8.10 3.65
C THR A 52 0.98 -7.57 3.99
N GLN A 53 0.05 -7.81 3.09
CA GLN A 53 -1.36 -7.47 3.22
C GLN A 53 -2.17 -8.69 2.88
N GLN A 54 -3.21 -8.98 3.66
CA GLN A 54 -4.29 -9.90 3.26
C GLN A 54 -5.62 -9.21 3.47
N THR A 55 -6.52 -9.33 2.51
CA THR A 55 -7.88 -8.77 2.65
C THR A 55 -8.89 -9.87 2.44
N ARG A 56 -10.09 -9.66 3.00
CA ARG A 56 -11.17 -10.64 2.88
C ARG A 56 -12.50 -9.92 2.90
N ALA A 57 -13.53 -10.58 2.40
CA ALA A 57 -14.86 -9.96 2.33
C ALA A 57 -15.41 -9.79 3.75
N VAL A 58 -16.07 -8.66 3.99
CA VAL A 58 -16.71 -8.42 5.31
C VAL A 58 -17.81 -9.47 5.54
N ALA A 59 -18.59 -9.81 4.51
CA ALA A 59 -19.83 -10.61 4.63
C ALA A 59 -19.49 -12.05 5.03
N ASP A 60 -18.49 -12.67 4.38
CA ASP A 60 -18.29 -14.16 4.43
C ASP A 60 -16.80 -14.49 4.54
N GLY A 61 -15.94 -13.49 4.68
CA GLY A 61 -14.51 -13.70 5.01
C GLY A 61 -13.74 -14.44 3.92
N LYS A 62 -14.29 -14.48 2.70
CA LYS A 62 -13.58 -15.04 1.51
C LYS A 62 -12.39 -14.16 1.16
N PRO A 63 -11.20 -14.75 0.93
CA PRO A 63 -10.03 -13.98 0.57
C PRO A 63 -10.26 -13.19 -0.72
N LEU A 64 -9.93 -11.91 -0.68
CA LEU A 64 -10.03 -11.07 -1.87
C LEU A 64 -8.61 -10.86 -2.42
N HIS A 65 -8.04 -9.71 -2.20
CA HIS A 65 -6.71 -9.30 -2.68
C HIS A 65 -5.67 -9.57 -1.57
N SER A 66 -4.43 -9.79 -1.98
CA SER A 66 -3.27 -9.69 -1.09
C SER A 66 -2.16 -8.99 -1.86
N GLU A 67 -1.13 -8.53 -1.16
CA GLU A 67 0.09 -8.04 -1.80
C GLU A 67 1.23 -8.27 -0.84
N THR A 68 2.43 -8.30 -1.36
CA THR A 68 3.61 -8.62 -0.57
C THR A 68 4.83 -7.94 -1.21
N GLY A 69 5.77 -7.50 -0.39
CA GLY A 69 7.01 -6.94 -0.87
C GLY A 69 7.68 -6.11 0.16
N TYR A 70 8.24 -4.98 -0.24
CA TYR A 70 9.25 -4.25 0.54
C TYR A 70 9.01 -2.75 0.41
N LEU A 71 9.22 -2.03 1.50
CA LEU A 71 9.27 -0.56 1.49
C LEU A 71 10.71 -0.16 1.77
N ARG A 72 11.42 0.26 0.73
CA ARG A 72 12.84 0.67 0.80
C ARG A 72 12.89 2.17 1.12
N VAL A 73 13.87 2.57 1.91
CA VAL A 73 14.20 4.00 2.04
C VAL A 73 15.39 4.29 1.13
N CYS A 74 15.16 5.15 0.13
CA CYS A 74 16.15 5.54 -0.92
C CYS A 74 16.85 6.82 -0.45
N ARG A 75 17.53 6.73 0.70
CA ARG A 75 18.00 7.85 1.56
C ARG A 75 16.82 8.41 2.32
N PRO A 76 17.01 8.79 3.60
CA PRO A 76 15.91 9.34 4.39
C PRO A 76 15.08 10.37 3.61
N GLY A 77 13.78 10.19 3.65
CA GLY A 77 12.80 11.09 3.00
C GLY A 77 12.24 10.51 1.70
N CYS A 78 12.90 9.50 1.15
CA CYS A 78 12.61 8.87 -0.16
C CYS A 78 12.15 7.44 0.10
N VAL A 79 11.12 6.98 -0.62
CA VAL A 79 10.66 5.58 -0.53
C VAL A 79 10.51 4.98 -1.92
N GLU A 80 10.79 3.69 -2.00
CA GLU A 80 10.44 2.79 -3.12
C GLU A 80 9.63 1.64 -2.52
N LEU A 81 8.37 1.50 -2.94
CA LEU A 81 7.46 0.41 -2.54
C LEU A 81 7.42 -0.60 -3.67
N VAL A 82 7.85 -1.82 -3.38
CA VAL A 82 8.10 -2.87 -4.39
C VAL A 82 7.17 -4.03 -4.07
N LEU A 83 6.20 -4.32 -4.94
CA LEU A 83 5.11 -5.26 -4.61
C LEU A 83 4.84 -6.25 -5.73
N ALA A 84 4.48 -7.46 -5.31
CA ALA A 84 3.83 -8.50 -6.12
C ALA A 84 2.37 -8.62 -5.74
N HIS A 85 1.54 -8.88 -6.73
CA HIS A 85 0.08 -9.10 -6.58
C HIS A 85 -0.29 -10.45 -7.17
N PRO A 86 -1.23 -11.17 -6.54
CA PRO A 86 -1.59 -12.50 -6.99
C PRO A 86 -2.45 -12.49 -8.26
N SER A 87 -2.85 -11.28 -8.68
CA SER A 87 -3.59 -10.99 -9.93
C SER A 87 -2.64 -11.00 -11.15
N GLY A 88 -1.34 -11.25 -10.94
CA GLY A 88 -0.40 -11.27 -12.07
C GLY A 88 0.19 -9.90 -12.40
N ILE A 89 0.35 -9.07 -11.38
CA ILE A 89 0.80 -7.68 -11.56
C ILE A 89 1.93 -7.41 -10.58
N THR A 90 2.98 -6.73 -11.04
CA THR A 90 4.00 -6.16 -10.16
C THR A 90 3.90 -4.64 -10.17
N GLU A 91 4.40 -4.01 -9.12
CA GLU A 91 4.22 -2.57 -8.87
C GLU A 91 5.52 -2.05 -8.23
N ILE A 92 6.06 -0.94 -8.72
CA ILE A 92 7.04 -0.13 -7.98
C ILE A 92 6.48 1.28 -7.89
N GLU A 93 6.20 1.72 -6.67
CA GLU A 93 5.78 3.12 -6.46
C GLU A 93 6.92 3.86 -5.81
N VAL A 94 7.16 5.08 -6.25
CA VAL A 94 8.27 5.92 -5.73
C VAL A 94 7.65 7.15 -5.11
N GLY A 95 8.25 7.66 -4.05
CA GLY A 95 7.78 8.93 -3.50
C GLY A 95 8.54 9.35 -2.28
N THR A 96 7.85 10.06 -1.40
CA THR A 96 8.45 10.79 -0.29
C THR A 96 7.61 10.62 0.97
N TYR A 97 8.18 11.02 2.08
CA TYR A 97 7.41 11.10 3.33
C TYR A 97 7.92 12.26 4.18
N SER A 98 7.06 12.64 5.13
CA SER A 98 7.36 13.67 6.13
C SER A 98 6.86 13.20 7.49
N VAL A 99 7.55 13.64 8.51
CA VAL A 99 7.18 13.41 9.92
C VAL A 99 6.73 14.73 10.51
N THR A 100 5.52 14.76 11.05
CA THR A 100 4.98 15.92 11.80
C THR A 100 4.51 15.42 13.16
N GLY A 101 5.41 15.42 14.15
CA GLY A 101 5.14 14.72 15.42
C GLY A 101 4.72 13.28 15.21
N ASP A 102 3.57 12.89 15.73
CA ASP A 102 3.10 11.49 15.72
C ASP A 102 2.42 11.18 14.38
N VAL A 103 2.50 12.09 13.42
CA VAL A 103 1.92 11.86 12.06
C VAL A 103 3.04 11.65 11.05
N ILE A 104 2.96 10.54 10.32
CA ILE A 104 3.79 10.28 9.12
C ILE A 104 2.87 10.33 7.93
N GLU A 105 3.24 11.07 6.90
CA GLU A 105 2.52 11.11 5.62
C GLU A 105 3.46 10.58 4.55
N LEU A 106 3.03 9.53 3.84
CA LEU A 106 3.77 8.98 2.69
C LEU A 106 2.96 9.20 1.43
N GLU A 107 3.60 9.67 0.39
CA GLU A 107 2.98 9.86 -0.93
C GLU A 107 3.82 9.12 -1.96
N LEU A 108 3.22 8.17 -2.66
CA LEU A 108 3.95 7.34 -3.63
C LEU A 108 3.14 7.21 -4.92
N SER A 109 3.82 6.90 -6.00
CA SER A 109 3.14 6.66 -7.27
C SER A 109 4.04 5.84 -8.20
N THR A 110 3.42 4.98 -9.01
CA THR A 110 4.15 4.37 -10.16
C THR A 110 4.57 5.46 -11.14
N ARG A 111 3.87 6.59 -11.14
CA ARG A 111 4.05 7.66 -12.14
C ARG A 111 5.30 8.50 -11.85
N ALA A 112 5.91 8.32 -10.67
CA ALA A 112 7.12 9.07 -10.27
C ALA A 112 8.37 8.21 -10.47
N ASP A 113 8.56 7.72 -11.71
CA ASP A 113 9.69 6.84 -12.09
C ASP A 113 9.55 5.48 -11.43
N GLY A 114 8.32 5.05 -11.20
CA GLY A 114 8.01 3.67 -10.82
C GLY A 114 7.66 2.83 -12.02
N SER A 115 6.98 1.71 -11.77
CA SER A 115 6.87 0.59 -12.73
CA SER A 115 6.84 0.63 -12.77
C SER A 115 5.54 -0.12 -12.50
N ILE A 116 4.94 -0.65 -13.55
CA ILE A 116 3.96 -1.75 -13.46
CA ILE A 116 3.93 -1.75 -13.47
C ILE A 116 4.39 -2.85 -14.42
N GLY A 117 4.31 -4.07 -13.97
CA GLY A 117 4.45 -5.23 -14.86
C GLY A 117 3.17 -6.01 -14.92
N LEU A 118 2.80 -6.45 -16.11
CA LEU A 118 1.56 -7.22 -16.34
C LEU A 118 1.92 -8.59 -16.90
N ALA A 119 1.45 -9.64 -16.25
CA ALA A 119 1.58 -10.98 -16.81
C ALA A 119 0.69 -11.07 -18.05
N PRO A 120 0.88 -12.08 -18.91
CA PRO A 120 0.09 -12.16 -20.15
C PRO A 120 -1.42 -12.20 -19.88
N THR A 121 -1.83 -12.75 -18.75
CA THR A 121 -3.26 -12.95 -18.41
C THR A 121 -3.78 -11.88 -17.45
N ALA A 122 -2.98 -10.86 -17.12
CA ALA A 122 -3.41 -9.83 -16.14
C ALA A 122 -4.35 -8.82 -16.80
N LYS A 123 -5.18 -8.18 -16.00
CA LYS A 123 -5.92 -6.97 -16.40
C LYS A 123 -4.94 -5.83 -16.66
N GLU A 124 -5.36 -4.87 -17.47
CA GLU A 124 -4.47 -3.76 -17.90
C GLU A 124 -4.54 -2.62 -16.89
N VAL A 125 -3.62 -2.65 -15.94
CA VAL A 125 -3.36 -1.55 -14.98
C VAL A 125 -2.15 -0.77 -15.48
N THR A 126 -2.25 0.54 -15.53
CA THR A 126 -1.14 1.38 -16.02
C THR A 126 -0.62 2.37 -15.01
N ALA A 127 -1.38 2.73 -13.97
CA ALA A 127 -0.82 3.57 -12.89
C ALA A 127 -1.49 3.27 -11.57
N LEU A 128 -0.73 3.43 -10.50
CA LEU A 128 -1.21 3.33 -9.11
C LEU A 128 -0.57 4.44 -8.29
N ASP A 129 -1.40 5.14 -7.52
CA ASP A 129 -0.95 6.15 -6.56
C ASP A 129 -1.43 5.74 -5.17
N ARG A 130 -0.57 5.87 -4.18
CA ARG A 130 -0.91 5.60 -2.77
C ARG A 130 -0.61 6.83 -1.90
N SER A 131 -1.55 7.15 -1.02
CA SER A 131 -1.40 8.15 0.05
CA SER A 131 -1.41 8.16 0.06
C SER A 131 -1.63 7.46 1.39
N TYR A 132 -0.61 7.38 2.22
CA TYR A 132 -0.68 6.70 3.53
CA TYR A 132 -0.65 6.73 3.55
C TYR A 132 -0.50 7.77 4.64
N ARG A 133 -1.24 7.60 5.71
CA ARG A 133 -1.09 8.42 6.92
C ARG A 133 -1.02 7.49 8.12
N ILE A 134 0.05 7.58 8.89
CA ILE A 134 0.15 6.91 10.21
C ILE A 134 0.07 8.01 11.28
N ASP A 135 -1.00 8.00 12.05
CA ASP A 135 -1.26 9.00 13.13
C ASP A 135 -1.41 8.23 14.43
N GLY A 136 -0.33 8.14 15.19
CA GLY A 136 -0.33 7.30 16.40
C GLY A 136 -0.60 5.85 16.07
N ASP A 137 -1.74 5.31 16.52
CA ASP A 137 -2.10 3.89 16.34
C ASP A 137 -3.14 3.73 15.21
N GLU A 138 -3.29 4.72 14.34
CA GLU A 138 -4.21 4.68 13.20
C GLU A 138 -3.39 4.75 11.91
N LEU A 139 -3.63 3.81 11.00
CA LEU A 139 -3.03 3.85 9.65
C LEU A 139 -4.15 3.96 8.64
N SER A 140 -4.17 5.04 7.87
CA SER A 140 -5.20 5.18 6.83
C SER A 140 -4.55 5.36 5.45
N TYR A 141 -5.26 5.01 4.42
CA TYR A 141 -4.72 5.21 3.07
C TYR A 141 -5.86 5.36 2.08
N SER A 142 -5.49 5.94 0.95
CA SER A 142 -6.27 5.83 -0.30
CA SER A 142 -6.26 5.92 -0.31
C SER A 142 -5.36 5.38 -1.43
N LEU A 143 -5.92 4.62 -2.34
CA LEU A 143 -5.22 4.15 -3.55
C LEU A 143 -6.03 4.58 -4.75
N GLN A 144 -5.37 5.25 -5.66
CA GLN A 144 -5.97 5.58 -6.97
CA GLN A 144 -5.95 5.60 -6.98
C GLN A 144 -5.34 4.71 -8.06
N MET A 145 -6.13 4.39 -9.05
CA MET A 145 -5.74 3.47 -10.13
C MET A 145 -6.15 4.04 -11.47
N ARG A 146 -5.29 3.89 -12.47
CA ARG A 146 -5.57 4.10 -13.90
C ARG A 146 -5.49 2.72 -14.56
N ALA A 147 -6.60 2.25 -15.09
CA ALA A 147 -6.70 0.86 -15.55
C ALA A 147 -7.91 0.70 -16.45
N VAL A 148 -7.86 -0.29 -17.32
CA VAL A 148 -9.01 -0.84 -18.08
C VAL A 148 -9.83 0.34 -18.66
N GLY A 149 -9.14 1.30 -19.28
CA GLY A 149 -9.77 2.37 -20.06
C GLY A 149 -10.22 3.54 -19.23
N GLN A 150 -10.00 3.51 -17.92
CA GLN A 150 -10.51 4.56 -17.01
C GLN A 150 -9.38 5.46 -16.57
N PRO A 151 -9.65 6.76 -16.36
CA PRO A 151 -8.63 7.67 -15.86
C PRO A 151 -8.29 7.37 -14.39
N LEU A 152 -7.15 7.88 -13.94
CA LEU A 152 -6.68 7.76 -12.55
C LEU A 152 -7.77 8.23 -11.60
N GLN A 153 -8.16 7.39 -10.66
CA GLN A 153 -9.27 7.69 -9.74
C GLN A 153 -9.26 6.69 -8.57
N ASP A 154 -10.03 6.96 -7.54
CA ASP A 154 -10.08 6.07 -6.36
C ASP A 154 -10.41 4.64 -6.79
N HIS A 155 -9.69 3.67 -6.23
CA HIS A 155 -10.12 2.25 -6.20
C HIS A 155 -10.34 1.79 -4.77
N LEU A 156 -9.52 2.25 -3.82
CA LEU A 156 -9.57 1.74 -2.43
C LEU A 156 -9.42 2.91 -1.46
N ALA A 157 -9.91 2.69 -0.25
CA ALA A 157 -9.38 3.40 0.93
C ALA A 157 -9.73 2.60 2.19
N ALA A 158 -8.89 2.66 3.20
CA ALA A 158 -9.12 1.87 4.43
C ALA A 158 -8.55 2.58 5.64
N VAL A 159 -9.00 2.15 6.79
CA VAL A 159 -8.47 2.58 8.10
C VAL A 159 -8.14 1.34 8.90
N LEU A 160 -6.89 1.25 9.34
CA LEU A 160 -6.38 0.12 10.15
C LEU A 160 -5.94 0.66 11.51
N HIS A 161 -5.86 -0.23 12.48
CA HIS A 161 -5.43 0.14 13.84
C HIS A 161 -4.35 -0.81 14.30
N ARG A 162 -3.38 -0.27 15.03
CA ARG A 162 -2.25 -1.05 15.55
C ARG A 162 -2.78 -2.15 16.49
N GLN A 163 -2.32 -3.37 16.31
CA GLN A 163 -2.68 -4.51 17.16
C GLN A 163 -1.66 -4.65 18.30
N ARG A 164 -2.14 -4.98 19.49
CA ARG A 164 -1.30 -5.37 20.66
C ARG A 164 -0.23 -6.37 20.21
CHA HEM B . -11.46 -5.09 -9.33
CHB HEM B . -10.97 -5.64 -4.59
CHC HEM B . -6.43 -3.88 -4.79
CHD HEM B . -6.78 -3.79 -9.64
C1A HEM B . -11.70 -5.38 -8.02
C2A HEM B . -12.90 -6.01 -7.54
C3A HEM B . -12.75 -6.17 -6.21
C4A HEM B . -11.48 -5.63 -5.86
CMA HEM B . -13.72 -6.83 -5.28
CAA HEM B . -14.09 -6.42 -8.39
CBA HEM B . -14.18 -7.94 -8.50
CGA HEM B . -12.97 -8.48 -9.19
O1A HEM B . -12.25 -9.32 -8.60
O2A HEM B . -12.70 -8.13 -10.36
C1B HEM B . -9.70 -5.15 -4.23
C2B HEM B . -9.20 -5.17 -2.89
C3B HEM B . -7.92 -4.63 -2.92
C4B HEM B . -7.65 -4.35 -4.35
CMB HEM B . -9.93 -5.68 -1.67
CAB HEM B . -6.97 -4.34 -1.83
CBB HEM B . -7.38 -4.02 -0.62
C1C HEM B . -6.12 -3.75 -6.15
C2C HEM B . -4.86 -3.35 -6.66
C3C HEM B . -4.94 -3.40 -8.03
C4C HEM B . -6.30 -3.73 -8.36
CMC HEM B . -3.69 -2.99 -5.81
CAC HEM B . -3.87 -3.22 -9.03
CBC HEM B . -2.65 -3.76 -8.89
C1D HEM B . -8.10 -4.08 -9.94
C2D HEM B . -8.62 -4.13 -11.32
C3D HEM B . -9.89 -4.49 -11.24
C4D HEM B . -10.20 -4.65 -9.80
CMD HEM B . -7.82 -3.91 -12.58
CAD HEM B . -10.70 -5.07 -12.37
CBD HEM B . -11.53 -4.05 -12.99
CGD HEM B . -12.27 -4.65 -14.19
O1D HEM B . -12.40 -5.89 -14.49
O2D HEM B . -12.75 -3.87 -14.90
NA HEM B . -10.84 -5.19 -6.95
NB HEM B . -8.75 -4.67 -5.05
NC HEM B . -6.99 -3.93 -7.18
ND HEM B . -9.09 -4.41 -9.05
FE HEM B . -8.96 -4.48 -7.10
#